data_9GQI
#
_entry.id   9GQI
#
_cell.length_a   48.744
_cell.length_b   48.744
_cell.length_c   198.119
_cell.angle_alpha   90
_cell.angle_beta   90
_cell.angle_gamma   120
#
_symmetry.space_group_name_H-M   'P 32 2 1'
#
loop_
_entity.id
_entity.type
_entity.pdbx_description
1 polymer 'Peptidyl-prolyl cis-trans isomerase FKBP5'
2 non-polymer (2~{S},9~{S},12~{R},13~{S},14~{E},18~{R})-2-cyclohexyl-22,23-dimethoxy-12,18-dimethyl-13-oxidanyl-11,17,20-trioxa-4-azatricyclo[19.3.1.0^{4,9}]pentacosa-1(25),14,21,23-tetraene-3,10-dione
3 water water
#
_entity_poly.entity_id   1
_entity_poly.type   'polypeptide(L)'
_entity_poly.pdbx_seq_one_letter_code
;GAPATVTEQGEDITSKKDRGVLKIVKRVGNGEETPMIGDKVYVHYKGKLSNGKKFDSSHDRNEPFVFSLGKGQVIKAWDI
GVATMKKGEIAHLLIKPEYAYGSAGSLPKIPSNATLFFEIELLDFKGE
;
_entity_poly.pdbx_strand_id   A,B
#
loop_
_chem_comp.id
_chem_comp.type
_chem_comp.name
_chem_comp.formula
A1IOF non-polymer (2~{S},9~{S},12~{R},13~{S},14~{E},18~{R})-2-cyclohexyl-22,23-dimethoxy-12,18-dimethyl-13-oxidanyl-11,17,20-trioxa-4-azatricyclo[19.3.1.0^{4,9}]pentacosa-1(25),14,21,23-tetraene-3,10-dione 'C31 H45 N O8'
#
# COMPACT_ATOMS: atom_id res chain seq x y z
N GLY A 1 21.28 15.49 2.89
CA GLY A 1 20.83 15.27 4.27
C GLY A 1 20.77 13.79 4.58
N ALA A 2 19.99 13.42 5.59
CA ALA A 2 20.07 12.08 6.13
C ALA A 2 19.68 11.03 5.07
N PRO A 3 18.67 11.26 4.20
CA PRO A 3 18.30 10.29 3.17
C PRO A 3 19.48 10.03 2.24
N ALA A 4 20.16 11.09 1.82
CA ALA A 4 21.26 10.90 0.87
C ALA A 4 22.42 10.21 1.61
N THR A 5 22.66 10.45 2.90
CA THR A 5 23.74 9.77 3.62
C THR A 5 23.44 8.27 3.67
N VAL A 6 22.21 7.87 3.88
CA VAL A 6 21.86 6.44 3.87
C VAL A 6 22.00 5.80 2.49
N THR A 7 21.63 6.54 1.42
CA THR A 7 21.92 6.09 0.05
C THR A 7 23.40 5.80 -0.10
N GLU A 8 24.24 6.74 0.31
CA GLU A 8 25.69 6.60 0.08
C GLU A 8 26.38 5.60 1.01
N GLN A 9 25.93 5.50 2.28
CA GLN A 9 26.73 4.79 3.29
C GLN A 9 25.98 3.64 3.96
N GLY A 10 24.69 3.50 3.71
CA GLY A 10 23.84 2.52 4.36
C GLY A 10 24.25 1.09 3.97
N GLU A 11 24.02 0.21 4.94
CA GLU A 11 24.10 -1.23 4.70
C GLU A 11 22.82 -1.76 4.10
N ASP A 12 22.93 -2.63 3.10
CA ASP A 12 21.76 -3.26 2.54
C ASP A 12 21.40 -4.49 3.38
N ILE A 13 20.28 -4.43 4.08
CA ILE A 13 19.88 -5.46 5.01
C ILE A 13 18.85 -6.39 4.38
N THR A 14 18.61 -6.31 3.09
CA THR A 14 17.64 -7.19 2.44
C THR A 14 18.28 -8.53 2.11
N SER A 15 17.43 -9.57 2.15
CA SER A 15 17.87 -10.92 1.80
C SER A 15 18.26 -11.00 0.31
N LYS A 16 17.51 -10.29 -0.53
CA LYS A 16 17.70 -10.33 -1.97
C LYS A 16 18.88 -9.45 -2.40
N LYS A 17 19.37 -8.61 -1.48
CA LYS A 17 20.44 -7.64 -1.77
C LYS A 17 20.07 -6.74 -2.96
N ASP A 18 18.91 -6.17 -2.85
CA ASP A 18 18.33 -5.28 -3.85
C ASP A 18 18.29 -3.81 -3.37
N ARG A 19 19.04 -3.52 -2.31
CA ARG A 19 19.08 -2.18 -1.73
C ARG A 19 17.71 -1.66 -1.39
N GLY A 20 16.73 -2.51 -1.10
CA GLY A 20 15.39 -2.07 -0.82
C GLY A 20 15.20 -1.54 0.61
N VAL A 21 16.09 -1.91 1.50
CA VAL A 21 16.14 -1.42 2.87
C VAL A 21 17.61 -1.17 3.19
N LEU A 22 17.97 0.11 3.41
CA LEU A 22 19.34 0.53 3.70
C LEU A 22 19.36 1.12 5.10
N LYS A 23 20.37 0.79 5.86
CA LYS A 23 20.45 1.12 7.28
C LYS A 23 21.75 1.74 7.68
N ILE A 24 21.67 2.78 8.52
CA ILE A 24 22.78 3.29 9.34
C ILE A 24 22.45 3.24 10.81
N VAL A 25 23.35 2.69 11.60
CA VAL A 25 23.28 2.77 13.06
C VAL A 25 23.80 4.15 13.47
N LYS A 26 22.92 4.98 14.08
CA LYS A 26 23.32 6.32 14.47
C LYS A 26 23.71 6.40 15.94
N ARG A 27 23.10 5.52 16.77
CA ARG A 27 23.47 5.37 18.17
C ARG A 27 23.40 3.89 18.54
N VAL A 28 24.51 3.36 19.06
CA VAL A 28 24.58 1.95 19.41
C VAL A 28 23.73 1.69 20.64
N GLY A 29 23.03 0.52 20.58
CA GLY A 29 22.22 0.03 21.68
C GLY A 29 22.98 -0.99 22.53
N ASN A 30 22.25 -1.78 23.36
CA ASN A 30 22.88 -2.65 24.33
C ASN A 30 22.28 -4.05 24.27
N GLY A 31 23.03 -5.04 24.76
CA GLY A 31 22.52 -6.40 24.91
C GLY A 31 22.68 -7.22 23.62
N GLU A 32 22.51 -8.58 23.76
CA GLU A 32 22.68 -9.47 22.62
C GLU A 32 21.36 -9.70 21.85
N GLU A 33 20.22 -9.63 22.54
CA GLU A 33 18.91 -9.91 21.94
C GLU A 33 18.54 -8.87 20.88
N THR A 34 17.87 -9.39 19.81
CA THR A 34 17.18 -8.53 18.84
C THR A 34 15.73 -8.95 18.68
N PRO A 35 14.82 -8.05 18.25
CA PRO A 35 13.42 -8.43 18.11
C PRO A 35 13.23 -9.56 17.11
N MET A 36 12.24 -10.43 17.41
N MET A 36 12.20 -10.35 17.35
CA MET A 36 11.93 -11.57 16.55
CA MET A 36 11.90 -11.45 16.45
C MET A 36 10.45 -11.57 16.24
C MET A 36 10.43 -11.50 16.19
N ILE A 37 10.08 -12.25 15.14
CA ILE A 37 8.68 -12.27 14.75
C ILE A 37 7.86 -12.73 15.94
N GLY A 38 6.78 -11.98 16.13
CA GLY A 38 5.78 -12.15 17.15
C GLY A 38 6.02 -11.27 18.38
N ASP A 39 7.23 -10.71 18.51
CA ASP A 39 7.51 -9.91 19.70
C ASP A 39 6.65 -8.65 19.68
N LYS A 40 6.36 -8.13 20.86
CA LYS A 40 5.77 -6.82 21.00
C LYS A 40 6.93 -5.84 21.10
N VAL A 41 6.94 -4.83 20.24
CA VAL A 41 8.08 -3.92 20.09
C VAL A 41 7.59 -2.51 20.36
N TYR A 42 8.43 -1.76 21.09
CA TYR A 42 8.14 -0.39 21.55
C TYR A 42 9.20 0.53 20.91
N VAL A 43 8.77 1.51 20.12
CA VAL A 43 9.72 2.43 19.50
C VAL A 43 9.23 3.88 19.65
N HIS A 44 10.18 4.81 19.42
CA HIS A 44 9.89 6.15 18.92
C HIS A 44 10.44 6.27 17.50
N TYR A 45 9.74 7.01 16.64
CA TYR A 45 10.21 7.17 15.28
C TYR A 45 9.87 8.56 14.77
N LYS A 46 10.65 8.99 13.77
CA LYS A 46 10.36 10.12 12.90
C LYS A 46 10.46 9.61 11.47
N GLY A 47 9.40 9.74 10.65
CA GLY A 47 9.41 9.30 9.27
C GLY A 47 9.07 10.45 8.35
N LYS A 48 9.43 10.29 7.09
CA LYS A 48 8.99 11.19 6.04
C LYS A 48 9.16 10.57 4.65
N LEU A 49 8.40 11.02 3.67
CA LEU A 49 8.73 10.71 2.28
C LEU A 49 10.16 11.22 2.06
N SER A 50 10.96 10.55 1.26
CA SER A 50 12.36 10.88 1.18
C SER A 50 12.60 12.26 0.59
N ASN A 51 11.65 12.79 -0.18
CA ASN A 51 11.77 14.15 -0.69
C ASN A 51 11.18 15.18 0.26
N GLY A 52 10.95 14.88 1.57
CA GLY A 52 10.50 15.86 2.56
C GLY A 52 9.05 16.33 2.40
N LYS A 53 8.21 15.67 1.55
CA LYS A 53 6.92 16.31 1.22
C LYS A 53 5.83 15.92 2.24
N LYS A 54 6.11 15.00 3.19
CA LYS A 54 5.21 14.64 4.29
C LYS A 54 6.11 14.03 5.38
N PHE A 55 5.76 14.30 6.64
CA PHE A 55 6.40 13.88 7.87
C PHE A 55 5.40 13.21 8.81
N ASP A 56 5.90 12.40 9.75
CA ASP A 56 5.07 11.75 10.76
C ASP A 56 5.96 11.30 11.90
N SER A 57 5.49 11.41 13.13
CA SER A 57 6.30 10.99 14.26
C SER A 57 5.46 10.47 15.40
N SER A 58 5.92 9.41 16.08
CA SER A 58 5.27 8.92 17.27
C SER A 58 5.10 10.05 18.29
N HIS A 59 6.03 11.00 18.30
CA HIS A 59 5.92 12.09 19.25
C HIS A 59 4.69 12.96 19.00
N ASP A 60 4.14 12.90 17.78
CA ASP A 60 2.94 13.68 17.44
C ASP A 60 1.77 13.21 18.30
N ARG A 61 1.87 11.98 18.81
CA ARG A 61 0.81 11.31 19.56
C ARG A 61 1.18 11.21 21.04
N ASN A 62 2.36 11.76 21.44
CA ASN A 62 2.78 11.89 22.84
C ASN A 62 2.90 10.49 23.50
N GLU A 63 3.26 9.42 22.72
CA GLU A 63 3.41 8.09 23.34
C GLU A 63 4.23 7.19 22.43
N PRO A 64 4.93 6.14 22.94
CA PRO A 64 5.61 5.23 22.03
C PRO A 64 4.61 4.53 21.10
N PHE A 65 5.16 4.19 19.96
CA PHE A 65 4.47 3.39 18.96
C PHE A 65 4.76 1.92 19.24
N VAL A 66 3.67 1.12 19.29
CA VAL A 66 3.83 -0.28 19.66
C VAL A 66 3.25 -1.16 18.56
N PHE A 67 4.02 -2.19 18.23
CA PHE A 67 3.57 -3.10 17.19
C PHE A 67 4.13 -4.49 17.45
N SER A 68 3.50 -5.47 16.80
CA SER A 68 3.94 -6.84 16.89
C SER A 68 4.71 -7.12 15.61
N LEU A 69 5.94 -7.58 15.81
CA LEU A 69 6.82 -7.76 14.67
C LEU A 69 6.32 -8.93 13.78
N GLY A 70 6.18 -8.68 12.46
CA GLY A 70 5.86 -9.73 11.51
C GLY A 70 4.40 -10.13 11.49
N LYS A 71 3.49 -9.26 11.96
CA LYS A 71 2.08 -9.60 12.19
C LYS A 71 1.23 -8.83 11.16
N GLY A 72 1.91 -8.14 10.23
CA GLY A 72 1.29 -7.32 9.22
C GLY A 72 0.79 -5.98 9.69
N GLN A 73 1.31 -5.45 10.81
CA GLN A 73 0.88 -4.17 11.30
C GLN A 73 1.70 -3.03 10.75
N VAL A 74 2.91 -3.32 10.31
CA VAL A 74 3.81 -2.35 9.72
C VAL A 74 4.27 -2.86 8.36
N ILE A 75 4.85 -1.94 7.61
CA ILE A 75 5.45 -2.25 6.33
C ILE A 75 6.61 -3.25 6.49
N LYS A 76 6.86 -4.01 5.42
CA LYS A 76 7.87 -5.06 5.44
C LYS A 76 9.18 -4.47 5.88
N ALA A 77 9.58 -3.28 5.44
CA ALA A 77 10.89 -2.73 5.80
C ALA A 77 11.07 -2.61 7.30
N TRP A 78 10.01 -2.36 8.04
CA TRP A 78 10.14 -2.27 9.50
C TRP A 78 10.33 -3.66 10.12
N ASP A 79 9.64 -4.68 9.63
CA ASP A 79 9.81 -6.03 10.12
C ASP A 79 11.27 -6.43 9.91
N ILE A 80 11.83 -6.11 8.75
CA ILE A 80 13.21 -6.43 8.42
C ILE A 80 14.17 -5.56 9.24
N GLY A 81 13.96 -4.26 9.25
CA GLY A 81 14.89 -3.33 9.89
C GLY A 81 14.90 -3.41 11.37
N VAL A 82 13.76 -3.38 12.04
CA VAL A 82 13.70 -3.38 13.50
C VAL A 82 14.26 -4.72 14.02
N ALA A 83 14.10 -5.85 13.30
CA ALA A 83 14.67 -7.13 13.73
C ALA A 83 16.22 -7.09 13.81
N THR A 84 16.89 -6.14 13.15
CA THR A 84 18.34 -5.95 13.26
C THR A 84 18.78 -5.05 14.41
N MET A 85 17.86 -4.45 15.14
CA MET A 85 18.19 -3.41 16.11
C MET A 85 18.31 -3.98 17.52
N LYS A 86 19.19 -3.40 18.32
CA LYS A 86 19.32 -3.66 19.73
C LYS A 86 18.55 -2.64 20.57
N LYS A 87 18.24 -3.02 21.80
CA LYS A 87 17.57 -2.13 22.76
C LYS A 87 18.38 -0.86 22.91
N GLY A 88 17.79 0.32 22.71
CA GLY A 88 18.49 1.58 22.88
C GLY A 88 19.09 2.12 21.58
N GLU A 89 19.11 1.34 20.53
CA GLU A 89 19.71 1.75 19.28
C GLU A 89 18.82 2.81 18.62
N ILE A 90 19.47 3.77 17.93
CA ILE A 90 18.82 4.63 16.95
C ILE A 90 19.40 4.25 15.62
N ALA A 91 18.51 4.03 14.68
CA ALA A 91 18.90 3.74 13.32
C ALA A 91 18.19 4.64 12.34
N HIS A 92 18.81 4.83 11.18
CA HIS A 92 18.16 5.40 10.01
C HIS A 92 17.92 4.31 8.98
N LEU A 93 16.72 4.29 8.40
CA LEU A 93 16.33 3.41 7.30
C LEU A 93 15.90 4.24 6.10
N LEU A 94 16.34 3.82 4.93
CA LEU A 94 15.85 4.36 3.66
C LEU A 94 15.25 3.21 2.93
N ILE A 95 14.06 3.35 2.39
CA ILE A 95 13.22 2.26 1.99
C ILE A 95 12.62 2.43 0.59
N LYS A 96 12.92 1.50 -0.30
CA LYS A 96 12.26 1.48 -1.61
C LYS A 96 10.84 1.04 -1.56
N PRO A 97 10.00 1.50 -2.53
CA PRO A 97 8.57 1.17 -2.47
C PRO A 97 8.21 -0.31 -2.35
N GLU A 98 9.03 -1.21 -2.89
CA GLU A 98 8.75 -2.64 -2.81
C GLU A 98 8.70 -3.12 -1.36
N TYR A 99 9.33 -2.41 -0.42
CA TYR A 99 9.34 -2.79 1.00
C TYR A 99 8.49 -1.83 1.83
N ALA A 100 7.60 -1.08 1.16
CA ALA A 100 6.76 -0.10 1.80
C ALA A 100 5.39 -0.24 1.17
N TYR A 101 4.95 0.77 0.36
CA TYR A 101 3.59 0.77 -0.12
C TYR A 101 3.46 0.48 -1.64
N GLY A 102 4.59 0.28 -2.30
CA GLY A 102 4.56 -0.25 -3.65
C GLY A 102 4.03 0.71 -4.71
N SER A 103 3.68 0.15 -5.85
CA SER A 103 3.12 0.92 -6.95
C SER A 103 1.71 1.38 -6.64
N ALA A 104 0.94 0.64 -5.80
CA ALA A 104 -0.40 1.06 -5.46
C ALA A 104 -0.37 2.33 -4.59
N GLY A 105 0.65 2.50 -3.79
CA GLY A 105 0.67 3.60 -2.82
C GLY A 105 -0.34 3.37 -1.72
N SER A 106 -0.60 4.49 -0.98
CA SER A 106 -1.52 4.49 0.12
C SER A 106 -1.99 5.93 0.31
N LEU A 107 -2.80 6.42 -0.62
CA LEU A 107 -3.24 7.80 -0.55
C LEU A 107 -4.15 7.98 0.65
N PRO A 108 -4.26 9.25 1.16
CA PRO A 108 -3.54 10.40 0.62
C PRO A 108 -2.13 10.58 1.13
N LYS A 109 -1.71 9.80 2.10
CA LYS A 109 -0.41 10.04 2.69
C LYS A 109 0.75 9.61 1.82
N ILE A 110 0.61 8.48 1.10
CA ILE A 110 1.75 7.86 0.45
C ILE A 110 1.47 7.73 -1.05
N PRO A 111 2.20 8.44 -1.93
CA PRO A 111 1.98 8.29 -3.35
C PRO A 111 2.46 6.94 -3.85
N SER A 112 2.10 6.64 -5.12
CA SER A 112 2.64 5.48 -5.78
C SER A 112 4.19 5.55 -5.79
N ASN A 113 4.84 4.43 -5.65
CA ASN A 113 6.26 4.30 -5.91
C ASN A 113 7.07 5.23 -4.97
N ALA A 114 6.65 5.39 -3.74
CA ALA A 114 7.32 6.27 -2.78
C ALA A 114 8.50 5.59 -2.06
N THR A 115 9.61 6.32 -1.98
CA THR A 115 10.73 6.00 -1.10
C THR A 115 10.53 6.72 0.24
N LEU A 116 10.78 5.99 1.36
CA LEU A 116 10.51 6.46 2.74
C LEU A 116 11.80 6.48 3.53
N PHE A 117 11.90 7.44 4.47
CA PHE A 117 13.02 7.58 5.40
C PHE A 117 12.42 7.50 6.80
N PHE A 118 13.08 6.75 7.67
CA PHE A 118 12.75 6.79 9.09
C PHE A 118 14.02 6.87 9.91
N GLU A 119 13.89 7.57 11.03
CA GLU A 119 14.71 7.43 12.22
C GLU A 119 13.91 6.68 13.25
N ILE A 120 14.47 5.56 13.76
CA ILE A 120 13.77 4.72 14.73
C ILE A 120 14.66 4.57 15.95
N GLU A 121 14.05 4.79 17.12
CA GLU A 121 14.69 4.42 18.36
C GLU A 121 13.98 3.17 18.92
N LEU A 122 14.72 2.09 19.14
CA LEU A 122 14.13 0.89 19.76
C LEU A 122 14.13 1.00 21.27
N LEU A 123 12.95 1.14 21.89
CA LEU A 123 12.82 1.43 23.32
C LEU A 123 12.87 0.11 24.12
N ASP A 124 12.15 -0.90 23.61
CA ASP A 124 12.03 -2.18 24.32
C ASP A 124 11.37 -3.19 23.39
N PHE A 125 11.39 -4.48 23.77
CA PHE A 125 10.64 -5.55 23.09
C PHE A 125 10.47 -6.71 24.06
N LYS A 126 9.34 -7.41 23.90
CA LYS A 126 8.89 -8.48 24.77
C LYS A 126 8.39 -9.63 23.92
N GLY A 127 8.59 -10.87 24.42
CA GLY A 127 8.00 -12.02 23.75
C GLY A 127 6.48 -11.98 23.90
N GLU A 128 5.76 -12.59 22.93
CA GLU A 128 4.30 -12.73 22.96
C GLU A 128 3.87 -13.59 24.17
N GLY B 1 -19.28 6.23 -24.83
CA GLY B 1 -18.68 4.94 -24.46
C GLY B 1 -19.08 4.55 -23.03
N ALA B 2 -18.62 3.35 -22.65
CA ALA B 2 -18.79 2.83 -21.30
C ALA B 2 -18.45 3.88 -20.25
N PRO B 3 -17.32 4.63 -20.34
CA PRO B 3 -16.99 5.60 -19.29
C PRO B 3 -18.10 6.64 -19.14
N ALA B 4 -18.52 7.26 -20.24
CA ALA B 4 -19.59 8.26 -20.16
C ALA B 4 -20.86 7.66 -19.60
N THR B 5 -21.20 6.40 -19.93
CA THR B 5 -22.41 5.79 -19.40
C THR B 5 -22.28 5.70 -17.87
N VAL B 6 -21.05 5.50 -17.37
CA VAL B 6 -20.85 5.43 -15.92
C VAL B 6 -21.06 6.80 -15.28
N THR B 7 -20.45 7.84 -15.80
CA THR B 7 -20.82 9.18 -15.38
C THR B 7 -22.36 9.33 -15.32
N GLU B 8 -23.07 8.95 -16.40
CA GLU B 8 -24.49 9.29 -16.56
C GLU B 8 -25.45 8.40 -15.74
N GLN B 9 -25.09 7.16 -15.44
CA GLN B 9 -26.00 6.27 -14.72
C GLN B 9 -25.36 5.78 -13.42
N GLY B 10 -24.04 5.91 -13.26
CA GLY B 10 -23.31 5.16 -12.25
C GLY B 10 -23.63 5.62 -10.83
N GLU B 11 -23.64 4.63 -9.94
CA GLU B 11 -23.93 4.78 -8.52
C GLU B 11 -22.66 5.24 -7.82
N ASP B 12 -22.77 6.23 -6.95
CA ASP B 12 -21.66 6.72 -6.15
C ASP B 12 -21.48 5.82 -4.93
N ILE B 13 -20.39 5.00 -4.96
CA ILE B 13 -20.25 4.01 -3.90
C ILE B 13 -19.25 4.51 -2.87
N THR B 14 -18.86 5.77 -2.88
CA THR B 14 -18.03 6.33 -1.81
C THR B 14 -18.81 6.63 -0.55
N SER B 15 -18.15 6.46 0.61
CA SER B 15 -18.72 6.84 1.87
C SER B 15 -18.98 8.35 1.95
N LYS B 16 -18.03 9.12 1.40
CA LYS B 16 -18.11 10.56 1.49
C LYS B 16 -19.10 11.13 0.49
N LYS B 17 -19.62 10.29 -0.41
CA LYS B 17 -20.53 10.73 -1.45
C LYS B 17 -19.94 11.90 -2.26
N ASP B 18 -18.72 11.68 -2.71
CA ASP B 18 -17.95 12.67 -3.46
C ASP B 18 -17.81 12.29 -4.93
N ARG B 19 -18.59 11.33 -5.41
CA ARG B 19 -18.53 10.86 -6.78
C ARG B 19 -17.12 10.39 -7.16
N GLY B 20 -16.33 9.94 -6.20
CA GLY B 20 -14.96 9.55 -6.53
C GLY B 20 -14.89 8.16 -7.12
N VAL B 21 -15.84 7.29 -6.86
CA VAL B 21 -15.94 5.96 -7.44
C VAL B 21 -17.41 5.73 -7.85
N LEU B 22 -17.65 5.63 -9.17
CA LEU B 22 -18.96 5.41 -9.77
C LEU B 22 -19.02 4.02 -10.40
N LYS B 23 -20.08 3.26 -10.18
CA LYS B 23 -20.23 1.87 -10.54
C LYS B 23 -21.50 1.61 -11.33
N ILE B 24 -21.37 0.80 -12.40
CA ILE B 24 -22.51 0.16 -13.04
C ILE B 24 -22.28 -1.35 -13.06
N VAL B 25 -23.31 -2.08 -12.64
CA VAL B 25 -23.29 -3.54 -12.73
C VAL B 25 -23.64 -3.88 -14.19
N LYS B 26 -22.72 -4.54 -14.89
CA LYS B 26 -22.99 -4.85 -16.29
C LYS B 26 -23.43 -6.28 -16.47
N ARG B 27 -22.99 -7.20 -15.60
CA ARG B 27 -23.54 -8.55 -15.55
C ARG B 27 -23.68 -8.96 -14.08
N VAL B 28 -24.88 -9.37 -13.69
CA VAL B 28 -25.18 -9.76 -12.32
C VAL B 28 -24.49 -11.09 -11.97
N GLY B 29 -23.95 -11.12 -10.72
CA GLY B 29 -23.29 -12.32 -10.20
C GLY B 29 -24.23 -13.20 -9.39
N ASN B 30 -23.67 -14.17 -8.64
CA ASN B 30 -24.47 -15.20 -7.99
C ASN B 30 -24.26 -15.15 -6.49
N GLY B 31 -25.31 -15.54 -5.76
CA GLY B 31 -25.27 -15.70 -4.32
C GLY B 31 -25.12 -14.34 -3.64
N GLU B 32 -25.28 -14.32 -2.32
CA GLU B 32 -25.46 -13.08 -1.60
C GLU B 32 -24.14 -12.54 -1.04
N GLU B 33 -23.13 -13.39 -0.87
CA GLU B 33 -21.87 -13.02 -0.26
C GLU B 33 -21.11 -12.05 -1.18
N THR B 34 -20.55 -11.02 -0.54
CA THR B 34 -19.56 -10.14 -1.15
C THR B 34 -18.25 -10.23 -0.37
N PRO B 35 -17.10 -9.88 -0.98
CA PRO B 35 -15.84 -10.10 -0.30
C PRO B 35 -15.73 -9.27 0.98
N MET B 36 -15.06 -9.82 1.97
CA MET B 36 -14.76 -9.09 3.19
C MET B 36 -13.30 -8.68 3.14
N ILE B 37 -12.97 -7.63 3.90
CA ILE B 37 -11.59 -7.29 4.09
C ILE B 37 -10.78 -8.50 4.55
N GLY B 38 -9.64 -8.67 3.86
CA GLY B 38 -8.71 -9.75 4.06
C GLY B 38 -8.91 -10.92 3.10
N ASP B 39 -10.10 -11.00 2.48
CA ASP B 39 -10.37 -12.11 1.57
C ASP B 39 -9.37 -12.05 0.40
N LYS B 40 -9.00 -13.24 -0.09
CA LYS B 40 -8.19 -13.38 -1.29
C LYS B 40 -9.17 -13.35 -2.45
N VAL B 41 -8.91 -12.47 -3.39
CA VAL B 41 -9.88 -12.16 -4.43
C VAL B 41 -9.26 -12.41 -5.81
N TYR B 42 -10.04 -13.04 -6.68
CA TYR B 42 -9.62 -13.43 -8.02
C TYR B 42 -10.47 -12.66 -9.03
N VAL B 43 -9.81 -11.93 -9.96
CA VAL B 43 -10.58 -11.19 -10.95
C VAL B 43 -9.92 -11.30 -12.33
N HIS B 44 -10.72 -10.93 -13.34
CA HIS B 44 -10.22 -10.46 -14.65
C HIS B 44 -10.62 -9.02 -14.81
N TYR B 45 -9.76 -8.22 -15.43
CA TYR B 45 -10.08 -6.82 -15.64
C TYR B 45 -9.48 -6.30 -16.94
N LYS B 46 -10.04 -5.16 -17.37
CA LYS B 46 -9.48 -4.28 -18.38
C LYS B 46 -9.54 -2.83 -17.89
N GLY B 47 -8.41 -2.16 -17.80
CA GLY B 47 -8.28 -0.81 -17.29
C GLY B 47 -7.67 0.13 -18.31
N LYS B 48 -8.03 1.43 -18.22
CA LYS B 48 -7.49 2.44 -19.07
C LYS B 48 -7.54 3.82 -18.41
N LEU B 49 -6.66 4.73 -18.82
CA LEU B 49 -6.79 6.14 -18.52
C LEU B 49 -8.07 6.54 -19.23
N SER B 50 -8.86 7.40 -18.63
CA SER B 50 -10.10 7.79 -19.30
C SER B 50 -9.81 8.50 -20.64
N ASN B 51 -8.61 9.06 -20.82
CA ASN B 51 -8.19 9.60 -22.09
C ASN B 51 -7.64 8.55 -23.07
N GLY B 52 -7.68 7.24 -22.75
CA GLY B 52 -7.17 6.16 -23.59
C GLY B 52 -5.68 6.20 -23.99
N LYS B 53 -4.78 6.80 -23.20
CA LYS B 53 -3.37 6.84 -23.58
C LYS B 53 -2.62 5.56 -23.13
N LYS B 54 -3.21 4.81 -22.19
CA LYS B 54 -2.59 3.64 -21.56
C LYS B 54 -3.72 2.68 -21.19
N PHE B 55 -3.50 1.39 -21.47
CA PHE B 55 -4.41 0.28 -21.27
C PHE B 55 -3.66 -0.83 -20.57
N ASP B 56 -4.42 -1.66 -19.85
CA ASP B 56 -3.86 -2.80 -19.18
C ASP B 56 -4.96 -3.82 -19.03
N SER B 57 -4.62 -5.10 -19.04
CA SER B 57 -5.62 -6.12 -18.79
C SER B 57 -4.97 -7.39 -18.27
N SER B 58 -5.64 -8.03 -17.34
CA SER B 58 -5.17 -9.29 -16.80
C SER B 58 -4.93 -10.28 -17.92
N HIS B 59 -5.74 -10.19 -18.97
CA HIS B 59 -5.57 -11.08 -20.12
C HIS B 59 -4.19 -10.99 -20.77
N ASP B 60 -3.56 -9.83 -20.67
CA ASP B 60 -2.30 -9.62 -21.37
C ASP B 60 -1.22 -10.45 -20.68
N ARG B 61 -1.51 -10.94 -19.45
CA ARG B 61 -0.56 -11.70 -18.65
C ARG B 61 -0.99 -13.19 -18.60
N ASN B 62 -2.09 -13.55 -19.33
CA ASN B 62 -2.57 -14.92 -19.46
C ASN B 62 -2.95 -15.56 -18.12
N GLU B 63 -3.53 -14.82 -17.15
CA GLU B 63 -3.92 -15.41 -15.86
C GLU B 63 -4.80 -14.44 -15.06
N PRO B 64 -5.67 -14.87 -14.12
CA PRO B 64 -6.38 -13.93 -13.26
C PRO B 64 -5.42 -13.12 -12.41
N PHE B 65 -5.92 -11.95 -12.03
CA PHE B 65 -5.22 -11.08 -11.10
C PHE B 65 -5.73 -11.35 -9.69
N VAL B 66 -4.79 -11.54 -8.79
CA VAL B 66 -5.15 -12.00 -7.44
C VAL B 66 -4.65 -10.95 -6.48
N PHE B 67 -5.51 -10.59 -5.49
CA PHE B 67 -5.07 -9.65 -4.48
C PHE B 67 -5.91 -9.84 -3.22
N SER B 68 -5.38 -9.35 -2.10
CA SER B 68 -6.10 -9.45 -0.83
C SER B 68 -6.87 -8.16 -0.60
N LEU B 69 -8.18 -8.26 -0.36
CA LEU B 69 -9.01 -7.04 -0.26
C LEU B 69 -8.69 -6.24 0.99
N GLY B 70 -8.41 -4.93 0.84
CA GLY B 70 -8.11 -4.03 1.98
C GLY B 70 -6.74 -4.29 2.64
N LYS B 71 -5.74 -4.62 1.86
CA LYS B 71 -4.46 -5.13 2.36
C LYS B 71 -3.35 -4.32 1.72
N GLY B 72 -3.66 -3.09 1.31
CA GLY B 72 -2.64 -2.20 0.76
C GLY B 72 -2.19 -2.52 -0.69
N GLN B 73 -2.98 -3.26 -1.50
CA GLN B 73 -2.37 -3.90 -2.65
C GLN B 73 -2.81 -3.28 -3.96
N VAL B 74 -3.91 -2.54 -3.94
CA VAL B 74 -4.55 -1.91 -5.07
C VAL B 74 -4.94 -0.47 -4.67
N ILE B 75 -5.28 0.31 -5.68
CA ILE B 75 -5.80 1.67 -5.42
C ILE B 75 -7.09 1.58 -4.58
N LYS B 76 -7.38 2.68 -3.88
CA LYS B 76 -8.52 2.75 -2.95
C LYS B 76 -9.78 2.36 -3.67
N ALA B 77 -9.96 2.87 -4.89
CA ALA B 77 -11.17 2.61 -5.67
C ALA B 77 -11.46 1.12 -5.83
N TRP B 78 -10.40 0.31 -5.96
CA TRP B 78 -10.64 -1.13 -6.09
C TRP B 78 -11.00 -1.78 -4.76
N ASP B 79 -10.37 -1.41 -3.63
CA ASP B 79 -10.76 -1.92 -2.31
C ASP B 79 -12.22 -1.59 -2.05
N ILE B 80 -12.63 -0.37 -2.42
CA ILE B 80 -14.06 0.00 -2.27
C ILE B 80 -14.96 -0.76 -3.26
N GLY B 81 -14.58 -0.80 -4.55
CA GLY B 81 -15.48 -1.28 -5.56
C GLY B 81 -15.60 -2.79 -5.61
N VAL B 82 -14.46 -3.53 -5.46
CA VAL B 82 -14.53 -4.97 -5.51
C VAL B 82 -15.26 -5.52 -4.29
N ALA B 83 -15.25 -4.81 -3.14
CA ALA B 83 -15.96 -5.28 -1.97
C ALA B 83 -17.49 -5.31 -2.17
N THR B 84 -18.00 -4.54 -3.16
CA THR B 84 -19.43 -4.49 -3.43
C THR B 84 -19.87 -5.60 -4.39
N MET B 85 -18.96 -6.39 -4.96
CA MET B 85 -19.30 -7.27 -6.07
C MET B 85 -19.60 -8.69 -5.62
N LYS B 86 -20.53 -9.38 -6.31
CA LYS B 86 -20.79 -10.79 -6.15
C LYS B 86 -19.94 -11.66 -7.06
N LYS B 87 -19.87 -12.96 -6.71
CA LYS B 87 -19.12 -13.92 -7.50
C LYS B 87 -19.77 -13.99 -8.88
N GLY B 88 -18.98 -13.78 -9.93
CA GLY B 88 -19.46 -13.83 -11.30
C GLY B 88 -19.93 -12.49 -11.86
N GLU B 89 -20.06 -11.46 -11.02
CA GLU B 89 -20.41 -10.12 -11.45
C GLU B 89 -19.34 -9.50 -12.35
N ILE B 90 -19.80 -8.75 -13.38
CA ILE B 90 -18.96 -7.82 -14.13
C ILE B 90 -19.48 -6.41 -13.85
N ALA B 91 -18.56 -5.51 -13.50
CA ALA B 91 -18.90 -4.14 -13.23
C ALA B 91 -17.97 -3.18 -13.94
N HIS B 92 -18.46 -1.98 -14.20
CA HIS B 92 -17.66 -0.87 -14.66
C HIS B 92 -17.47 0.11 -13.52
N LEU B 93 -16.24 0.59 -13.38
CA LEU B 93 -15.86 1.61 -12.41
C LEU B 93 -15.25 2.81 -13.14
N LEU B 94 -15.68 3.99 -12.79
CA LEU B 94 -15.04 5.23 -13.18
C LEU B 94 -14.56 5.95 -11.92
N ILE B 95 -13.28 6.35 -11.94
CA ILE B 95 -12.54 6.68 -10.75
C ILE B 95 -11.81 8.02 -10.84
N LYS B 96 -12.21 8.96 -9.94
CA LYS B 96 -11.50 10.22 -9.81
C LYS B 96 -10.08 10.06 -9.24
N PRO B 97 -9.14 10.97 -9.51
CA PRO B 97 -7.78 10.80 -9.04
C PRO B 97 -7.54 10.58 -7.54
N GLU B 98 -8.36 11.16 -6.70
CA GLU B 98 -8.17 10.99 -5.27
C GLU B 98 -8.30 9.51 -4.85
N TYR B 99 -9.00 8.66 -5.64
CA TYR B 99 -9.23 7.26 -5.35
C TYR B 99 -8.38 6.36 -6.25
N ALA B 100 -7.43 6.96 -6.99
CA ALA B 100 -6.50 6.26 -7.84
C ALA B 100 -5.07 6.66 -7.48
N TYR B 101 -4.46 7.51 -8.31
CA TYR B 101 -3.07 7.89 -8.10
C TYR B 101 -2.87 9.37 -7.76
N GLY B 102 -3.94 10.15 -7.67
CA GLY B 102 -3.84 11.45 -7.02
C GLY B 102 -3.10 12.50 -7.83
N SER B 103 -2.64 13.54 -7.14
CA SER B 103 -1.92 14.60 -7.84
C SER B 103 -0.51 14.17 -8.19
N ALA B 104 0.09 13.23 -7.43
CA ALA B 104 1.43 12.76 -7.74
C ALA B 104 1.42 11.94 -9.04
N GLY B 105 0.37 11.17 -9.24
CA GLY B 105 0.30 10.20 -10.32
C GLY B 105 1.31 9.07 -10.06
N SER B 106 1.72 8.41 -11.15
CA SER B 106 2.68 7.29 -11.07
C SER B 106 3.46 7.35 -12.38
N LEU B 107 4.27 8.38 -12.54
CA LEU B 107 4.95 8.69 -13.79
C LEU B 107 6.06 7.67 -13.99
N PRO B 108 6.39 7.34 -15.24
CA PRO B 108 5.74 7.88 -16.45
C PRO B 108 4.43 7.23 -16.86
N LYS B 109 3.98 6.15 -16.21
CA LYS B 109 2.84 5.40 -16.70
C LYS B 109 1.54 6.20 -16.51
N ILE B 110 1.33 6.82 -15.35
CA ILE B 110 0.09 7.45 -14.99
C ILE B 110 0.35 8.93 -14.70
N PRO B 111 -0.26 9.88 -15.42
CA PRO B 111 -0.03 11.29 -15.17
C PRO B 111 -0.71 11.75 -13.89
N SER B 112 -0.32 12.95 -13.49
CA SER B 112 -0.95 13.62 -12.37
C SER B 112 -2.45 13.79 -12.62
N ASN B 113 -3.27 13.61 -11.58
CA ASN B 113 -4.68 13.94 -11.62
C ASN B 113 -5.41 13.17 -12.74
N ALA B 114 -5.07 11.89 -12.94
CA ALA B 114 -5.69 11.04 -13.93
C ALA B 114 -6.99 10.42 -13.41
N THR B 115 -7.99 10.40 -14.35
CA THR B 115 -9.20 9.62 -14.17
C THR B 115 -9.00 8.24 -14.82
N LEU B 116 -9.42 7.17 -14.12
CA LEU B 116 -9.28 5.79 -14.56
C LEU B 116 -10.64 5.15 -14.75
N PHE B 117 -10.65 4.15 -15.65
CA PHE B 117 -11.83 3.38 -16.00
C PHE B 117 -11.45 1.90 -15.93
N PHE B 118 -12.26 1.05 -15.32
CA PHE B 118 -12.05 -0.39 -15.33
C PHE B 118 -13.35 -1.14 -15.65
N GLU B 119 -13.19 -2.27 -16.34
CA GLU B 119 -14.20 -3.33 -16.38
C GLU B 119 -13.59 -4.47 -15.55
N ILE B 120 -14.32 -4.96 -14.54
CA ILE B 120 -13.85 -6.00 -13.64
C ILE B 120 -14.84 -7.16 -13.61
N GLU B 121 -14.32 -8.38 -13.73
CA GLU B 121 -15.10 -9.59 -13.48
C GLU B 121 -14.61 -10.21 -12.19
N LEU B 122 -15.49 -10.36 -11.20
CA LEU B 122 -15.13 -11.04 -9.95
C LEU B 122 -15.27 -12.53 -10.17
N LEU B 123 -14.15 -13.27 -10.17
CA LEU B 123 -14.13 -14.67 -10.52
C LEU B 123 -14.40 -15.52 -9.28
N ASP B 124 -13.82 -15.12 -8.14
CA ASP B 124 -13.97 -15.86 -6.91
C ASP B 124 -13.37 -15.05 -5.77
N PHE B 125 -13.67 -15.45 -4.51
CA PHE B 125 -12.97 -14.97 -3.33
C PHE B 125 -13.06 -16.03 -2.22
N LYS B 126 -11.98 -16.08 -1.44
CA LYS B 126 -11.73 -17.08 -0.42
C LYS B 126 -11.23 -16.35 0.83
N GLY B 127 -11.69 -16.80 1.99
CA GLY B 127 -11.20 -16.27 3.25
C GLY B 127 -9.70 -16.49 3.39
N GLU B 128 -9.04 -15.63 4.18
CA GLU B 128 -7.60 -15.69 4.44
C GLU B 128 -7.25 -17.03 5.11
C4 A1IOF C . 2.28 6.34 8.26
C14 A1IOF C . 0.55 2.92 11.13
C5 A1IOF C . 1.62 6.85 9.38
C6 A1IOF C . 0.24 6.86 9.46
C11 A1IOF C . -1.90 6.99 12.83
C7 A1IOF C . -0.54 6.35 8.43
C8 A1IOF C . -2.52 5.24 9.13
C9 A1IOF C . 0.24 7.56 11.74
C10 A1IOF C . -0.44 6.66 12.73
C12 A1IOF C . 0.94 4.73 12.80
C13 A1IOF C . 1.24 3.42 12.15
N1 A1IOF C . 4.56 4.20 9.07
C3 A1IOF C . 1.49 5.83 7.22
C1 A1IOF C . -0.17 4.90 5.19
O1 A1IOF C . -0.77 5.41 6.36
C2 A1IOF C . 0.11 5.87 7.30
O2 A1IOF C . -1.91 6.36 8.50
O3 A1IOF C . -0.49 7.31 10.53
O4 A1IOF C . -0.31 5.27 12.41
C15 A1IOF C . 0.79 1.59 10.50
O5 A1IOF C . 1.76 0.92 11.29
C16 A1IOF C . 1.21 1.71 9.06
C17 A1IOF C . 0.19 2.34 8.15
O6 A1IOF C . 2.45 2.49 9.01
C18 A1IOF C . 3.61 1.86 8.78
O7 A1IOF C . 3.67 0.69 8.51
C19 A1IOF C . 4.85 2.76 8.82
C20 A1IOF C . 5.78 2.24 9.90
C21 A1IOF C . 5.24 2.43 11.28
C22 A1IOF C . 5.11 3.95 11.49
C23 A1IOF C . 4.13 4.56 10.45
C24 A1IOF C . 4.33 4.96 7.98
O8 A1IOF C . 4.48 4.52 6.82
C25 A1IOF C . 3.81 6.38 8.14
C26 A1IOF C . 4.28 7.34 7.02
C27 A1IOF C . 5.79 7.62 7.03
C28 A1IOF C . 6.23 8.59 5.95
C29 A1IOF C . 5.44 9.87 5.94
C30 A1IOF C . 3.98 9.63 5.99
C31 A1IOF C . 3.52 8.68 7.08
H18 A1IOF C . -0.15 3.45 10.78
H5 A1IOF C . 2.14 7.19 10.08
H14 A1IOF C . -2.02 7.96 12.85
H12 A1IOF C . -2.27 6.62 13.66
H13 A1IOF C . -2.38 6.62 12.08
H7 A1IOF C . -3.49 5.37 9.13
H8 A1IOF C . -2.20 5.17 10.04
H6 A1IOF C . -2.29 4.44 8.64
H10 A1IOF C . 1.18 7.32 11.65
H9 A1IOF C . 0.17 8.50 12.01
H11 A1IOF C . -0.02 6.81 13.62
H16 A1IOF C . 1.65 5.37 12.57
H15 A1IOF C . 0.94 4.61 13.78
H17 A1IOF C . 1.96 2.91 12.50
H4 A1IOF C . 1.91 5.52 6.44
H2 A1IOF C . -0.86 4.62 4.56
H3 A1IOF C . 0.39 4.14 5.40
H1 A1IOF C . 0.37 5.59 4.76
H19 A1IOF C . -0.05 1.07 10.54
H20 A1IOF C . 1.89 0.12 10.95
H21 A1IOF C . 1.40 0.80 8.72
H23 A1IOF C . 0.09 3.27 8.37
H24 A1IOF C . -0.66 1.88 8.25
H22 A1IOF C . 0.49 2.25 7.23
H25 A1IOF C . 5.30 2.69 7.93
H27 A1IOF C . 5.94 1.27 9.75
H26 A1IOF C . 6.66 2.69 9.82
H28 A1IOF C . 5.86 2.05 11.94
H29 A1IOF C . 4.37 2.00 11.36
H30 A1IOF C . 5.99 4.38 11.40
H31 A1IOF C . 4.78 4.13 12.39
H32 A1IOF C . 4.13 5.54 10.55
H33 A1IOF C . 3.23 4.23 10.63
H34 A1IOF C . 4.17 6.73 9.00
H35 A1IOF C . 4.06 6.92 6.16
H37 A1IOF C . 6.05 7.97 7.90
H36 A1IOF C . 6.26 6.77 6.91
H38 A1IOF C . 6.13 8.16 5.07
H39 A1IOF C . 7.18 8.80 6.07
H40 A1IOF C . 5.65 10.37 5.13
H41 A1IOF C . 5.70 10.41 6.72
H42 A1IOF C . 3.68 9.29 5.13
H43 A1IOF C . 3.53 10.50 6.13
H45 A1IOF C . 3.65 9.09 7.96
H44 A1IOF C . 2.56 8.51 6.97
C4 A1IOF D . -1.65 -0.66 -13.41
C14 A1IOF D . -0.87 -3.71 -9.75
C5 A1IOF D . -1.07 -1.85 -13.84
C6 A1IOF D . 0.26 -2.14 -13.60
C11 A1IOF D . 2.05 -5.75 -13.19
C7 A1IOF D . 1.07 -1.18 -12.97
C8 A1IOF D . 2.69 -2.18 -11.55
C9 A1IOF D . 0.29 -4.46 -14.31
C10 A1IOF D . 0.62 -5.45 -13.22
C12 A1IOF D . -1.16 -5.34 -11.60
C13 A1IOF D . -1.54 -4.69 -10.33
N1 A1IOF D . -4.26 -1.15 -11.66
C3 A1IOF D . -0.85 0.27 -12.75
C1 A1IOF D . 0.79 2.09 -11.43
O1 A1IOF D . 1.31 0.85 -11.85
C2 A1IOF D . 0.47 -0.01 -12.51
O2 A1IOF D . 2.42 -1.42 -12.74
O3 A1IOF D . 0.99 -3.23 -14.04
O4 A1IOF D . 0.21 -5.00 -11.92
C15 A1IOF D . -1.27 -3.04 -8.48
O5 A1IOF D . -2.45 -3.64 -7.94
C16 A1IOF D . -1.56 -1.57 -8.61
C17 A1IOF D . -0.37 -0.74 -9.07
O6 A1IOF D . -2.60 -1.36 -9.64
C18 A1IOF D . -3.82 -1.01 -9.20
O7 A1IOF D . -4.04 -0.74 -8.05
C19 A1IOF D . -4.82 -0.92 -10.32
C20 A1IOF D . -5.98 -1.90 -10.00
C21 A1IOF D . -5.52 -3.31 -10.16
C22 A1IOF D . -5.03 -3.54 -11.58
C23 A1IOF D . -3.93 -2.60 -12.00
C24 A1IOF D . -3.84 -0.09 -12.35
O8 A1IOF D . -3.93 1.07 -11.95
C25 A1IOF D . -3.11 -0.31 -13.68
C26 A1IOF D . -3.24 0.87 -14.65
C27 A1IOF D . -4.72 1.03 -15.06
C28 A1IOF D . -4.90 2.17 -16.04
C29 A1IOF D . -4.03 2.03 -17.26
C30 A1IOF D . -2.56 1.91 -16.88
C31 A1IOF D . -2.41 0.78 -15.90
H18 A1IOF D . -0.09 -3.41 -10.18
H5 A1IOF D . -1.60 -2.46 -14.32
H14 A1IOF D . 2.36 -5.98 -14.09
H12 A1IOF D . 2.21 -6.50 -12.60
H13 A1IOF D . 2.53 -4.97 -12.88
H7 A1IOF D . 3.65 -2.35 -11.48
H8 A1IOF D . 2.22 -3.03 -11.59
H6 A1IOF D . 2.40 -1.68 -10.77
H10 A1IOF D . -0.69 -4.30 -14.33
H9 A1IOF D . 0.56 -4.80 -15.18
H11 A1IOF D . 0.12 -6.30 -13.42
H16 A1IOF D . -1.75 -5.03 -12.34
H15 A1IOF D . -1.24 -6.32 -11.52
H17 A1IOF D . -2.33 -5.00 -9.90
H4 A1IOF D . -1.23 1.08 -12.44
H2 A1IOF D . 1.50 2.60 -11.01
H3 A1IOF D . 0.09 1.94 -10.78
H1 A1IOF D . 0.45 2.57 -12.19
H19 A1IOF D . -0.54 -3.16 -7.82
H20 A1IOF D . -2.66 -3.23 -7.22
H21 A1IOF D . -1.88 -1.21 -7.73
H23 A1IOF D . -0.05 -1.08 -9.92
H24 A1IOF D . 0.33 -0.78 -8.42
H22 A1IOF D . -0.65 0.18 -9.18
H25 A1IOF D . -5.20 -0.01 -10.32
H27 A1IOF D . -6.30 -1.76 -9.08
H26 A1IOF D . -6.73 -1.73 -10.61
H28 A1IOF D . -6.26 -3.93 -9.97
H29 A1IOF D . -4.79 -3.50 -9.53
H30 A1IOF D . -5.78 -3.44 -12.21
H31 A1IOF D . -4.70 -4.46 -11.67
H32 A1IOF D . -3.79 -2.68 -12.97
H33 A1IOF D . -3.09 -2.85 -11.56
H34 A1IOF D . -3.51 -1.11 -14.11
H35 A1IOF D . -2.97 1.70 -14.17
H37 A1IOF D . -5.03 0.19 -15.46
H36 A1IOF D . -5.26 1.20 -14.26
H38 A1IOF D . -4.69 3.02 -15.60
H39 A1IOF D . -5.84 2.21 -16.32
H40 A1IOF D . -4.15 2.81 -17.85
H41 A1IOF D . -4.30 1.23 -17.76
H42 A1IOF D . -2.25 2.75 -16.47
H43 A1IOF D . -2.01 1.75 -17.67
H45 A1IOF D . -2.64 -0.06 -16.36
H44 A1IOF D . -1.46 0.71 -15.64
#